data_5WKG
#
_entry.id   5WKG
#
_cell.length_a   57.190
_cell.length_b   78.530
_cell.length_c   84.710
_cell.angle_alpha   90.00
_cell.angle_beta   90.00
_cell.angle_gamma   90.00
#
_symmetry.space_group_name_H-M   'P 21 21 21'
#
loop_
_entity.id
_entity.type
_entity.pdbx_description
1 polymer 'T-cell surface glycoprotein CD1b'
2 polymer Beta-2-microglobulin
3 branched alpha-D-mannopyranose-(1-3)-[alpha-D-mannopyranose-(1-6)]beta-D-mannopyranose-(1-4)-2-acetamido-2-deoxy-beta-D-glucopyranose-(1-4)-[alpha-L-fucopyranose-(1-3)][alpha-L-fucopyranose-(1-6)]2-acetamido-2-deoxy-beta-D-glucopyranose
4 branched alpha-L-fucopyranose-(1-3)-2-acetamido-2-deoxy-beta-D-glucopyranose
5 non-polymer 2-acetamido-2-deoxy-beta-D-glucopyranose
6 non-polymer '(2R)-1-(hexadecanoyloxy)-3-(phosphonooxy)propan-2-yl (9Z)-octadec-9-enoate'
7 non-polymer 'tetracosyl octadecanoate'
8 non-polymer DI(HYDROXYETHYL)ETHER
9 non-polymer 'CHLORIDE ION'
10 non-polymer 1,2-ETHANEDIOL
11 non-polymer 'IODIDE ION'
12 non-polymer 'SODIUM ION'
13 water water
#
loop_
_entity_poly.entity_id
_entity_poly.type
_entity_poly.pdbx_seq_one_letter_code
_entity_poly.pdbx_strand_id
1 'polypeptide(L)'
;HAFQGPTSFHVIQTSSFTNSTWAQTQGSGWLDDLQIHGWDSDSGTAIFLKPWSKGNFSDKEVAELEEIFRVYIFGFAREV
QDFAGDFQMKYPFEIQGIAGCELHSGGAIVSFLRGALGGLDFLSVKNASCVPSPEGGSRAQKFCALIIQYQGIMETVRIL
LYETCPRYLLGVLNAGKADLQRQVKPEAWLSSGPSPGPGRLQLVCHVSGFYPKPVWVMWMRGEQEQQGTQLGDILPNANW
TWYLRATLDVADGEAAGLSCRVKHSSLEGQDIILYWRGSGLNDIFEAQKIEWHEHHHHHH
;
A
2 'polypeptide(L)'
;IQRTPKIQVYSRHPAENGKSNFLNCYVSGFHPSDIEVDLLKNGERIEKVEHSDLSFSKDWSFYLLYYTEFTPTEKDEYAC
RVNHVTLSQPKIVKWDRDM
;
B
#
loop_
_chem_comp.id
_chem_comp.type
_chem_comp.name
_chem_comp.formula
BMA D-saccharide, beta linking beta-D-mannopyranose 'C6 H12 O6'
CL non-polymer 'CHLORIDE ION' 'Cl -1'
CUY non-polymer 'tetracosyl octadecanoate' 'C42 H84 O2'
D21 non-polymer '(2R)-1-(hexadecanoyloxy)-3-(phosphonooxy)propan-2-yl (9Z)-octadec-9-enoate' 'C37 H71 O8 P'
EDO non-polymer 1,2-ETHANEDIOL 'C2 H6 O2'
FUC L-saccharide, alpha linking alpha-L-fucopyranose 'C6 H12 O5'
IOD non-polymer 'IODIDE ION' 'I -1'
MAN D-saccharide, alpha linking alpha-D-mannopyranose 'C6 H12 O6'
NA non-polymer 'SODIUM ION' 'Na 1'
NAG D-saccharide, beta linking 2-acetamido-2-deoxy-beta-D-glucopyranose 'C8 H15 N O6'
PEG non-polymer DI(HYDROXYETHYL)ETHER 'C4 H10 O3'
#
# COMPACT_ATOMS: atom_id res chain seq x y z
N PHE A 3 -18.85 -2.23 11.90
CA PHE A 3 -17.68 -1.78 12.65
C PHE A 3 -16.75 -1.00 11.70
N GLN A 4 -15.87 -0.18 12.27
CA GLN A 4 -14.93 0.66 11.52
C GLN A 4 -13.53 0.05 11.52
N GLY A 5 -12.69 0.44 10.55
CA GLY A 5 -11.33 -0.08 10.40
C GLY A 5 -11.25 -1.22 9.39
N PRO A 6 -10.08 -1.90 9.26
CA PRO A 6 -10.00 -3.03 8.31
C PRO A 6 -11.05 -4.12 8.53
N THR A 7 -11.41 -4.79 7.40
CA THR A 7 -12.39 -5.90 7.40
C THR A 7 -11.75 -7.16 6.83
N SER A 8 -10.46 -7.07 6.40
CA SER A 8 -9.81 -8.18 5.77
C SER A 8 -8.39 -8.39 6.24
N PHE A 9 -7.95 -9.65 6.11
CA PHE A 9 -6.60 -10.11 6.36
C PHE A 9 -6.04 -10.71 5.08
N HIS A 10 -4.79 -10.37 4.71
CA HIS A 10 -4.18 -11.05 3.57
C HIS A 10 -2.68 -11.21 3.75
N VAL A 11 -2.13 -12.30 3.18
CA VAL A 11 -0.69 -12.55 3.11
C VAL A 11 -0.28 -12.29 1.67
N ILE A 12 0.91 -11.72 1.46
CA ILE A 12 1.44 -11.47 0.11
C ILE A 12 2.82 -12.15 -0.09
N GLN A 13 3.13 -12.47 -1.35
CA GLN A 13 4.39 -13.09 -1.71
C GLN A 13 4.96 -12.41 -2.97
N THR A 14 6.24 -12.13 -2.97
CA THR A 14 7.00 -11.61 -4.11
C THR A 14 8.18 -12.53 -4.22
N SER A 15 8.21 -13.37 -5.27
CA SER A 15 9.29 -14.33 -5.52
C SER A 15 10.07 -13.87 -6.74
N SER A 16 11.34 -13.48 -6.53
CA SER A 16 12.21 -12.98 -7.59
C SER A 16 13.17 -14.07 -8.07
N PHE A 17 13.06 -14.49 -9.34
CA PHE A 17 13.92 -15.55 -9.91
C PHE A 17 14.94 -14.88 -10.77
N THR A 18 16.12 -14.58 -10.20
CA THR A 18 17.20 -13.86 -10.89
C THR A 18 17.79 -14.74 -11.96
N ASN A 19 18.23 -15.95 -11.61
CA ASN A 19 18.79 -16.90 -12.57
C ASN A 19 18.41 -18.35 -12.13
N SER A 20 18.95 -19.37 -12.82
CA SER A 20 18.72 -20.78 -12.55
C SER A 20 19.24 -21.20 -11.17
N THR A 21 20.09 -20.38 -10.52
CA THR A 21 20.65 -20.76 -9.21
C THR A 21 20.31 -19.77 -8.10
N TRP A 22 19.58 -18.69 -8.40
CA TRP A 22 19.28 -17.71 -7.36
C TRP A 22 17.83 -17.23 -7.43
N ALA A 23 17.13 -17.28 -6.29
CA ALA A 23 15.75 -16.84 -6.09
C ALA A 23 15.48 -16.54 -4.65
N GLN A 24 14.80 -15.42 -4.37
CA GLN A 24 14.46 -14.96 -3.02
C GLN A 24 12.98 -14.59 -2.95
N THR A 25 12.31 -14.84 -1.81
CA THR A 25 10.91 -14.51 -1.62
C THR A 25 10.72 -13.51 -0.48
N GLN A 26 10.07 -12.37 -0.78
CA GLN A 26 9.69 -11.35 0.22
C GLN A 26 8.21 -11.63 0.62
N GLY A 27 7.86 -11.49 1.90
CA GLY A 27 6.50 -11.75 2.37
C GLY A 27 6.09 -10.87 3.52
N SER A 28 4.78 -10.73 3.74
CA SER A 28 4.20 -9.93 4.81
C SER A 28 2.70 -10.23 4.95
N GLY A 29 2.15 -9.85 6.11
CA GLY A 29 0.74 -10.02 6.51
C GLY A 29 0.15 -8.66 6.76
N TRP A 30 -1.10 -8.46 6.25
CA TRP A 30 -1.79 -7.18 6.24
C TRP A 30 -3.26 -7.23 6.66
N LEU A 31 -3.73 -6.16 7.32
CA LEU A 31 -5.14 -5.90 7.65
C LEU A 31 -5.50 -4.71 6.80
N ASP A 32 -6.06 -5.00 5.59
CA ASP A 32 -6.27 -4.05 4.50
C ASP A 32 -4.87 -3.47 4.18
N ASP A 33 -4.64 -2.18 4.42
CA ASP A 33 -3.35 -1.52 4.14
C ASP A 33 -2.41 -1.48 5.33
N LEU A 34 -2.80 -2.04 6.48
CA LEU A 34 -2.00 -1.96 7.72
C LEU A 34 -1.21 -3.23 7.90
N GLN A 35 0.13 -3.11 7.91
CA GLN A 35 0.97 -4.29 8.06
C GLN A 35 0.99 -4.75 9.51
N ILE A 36 0.81 -6.05 9.72
CA ILE A 36 0.83 -6.64 11.07
C ILE A 36 1.87 -7.77 11.16
N HIS A 37 2.33 -8.28 10.02
CA HIS A 37 3.36 -9.32 9.98
C HIS A 37 4.43 -8.98 8.98
N GLY A 38 5.66 -9.22 9.39
CA GLY A 38 6.83 -9.15 8.53
C GLY A 38 7.25 -10.58 8.28
N TRP A 39 8.12 -10.83 7.30
CA TRP A 39 8.62 -12.18 7.04
C TRP A 39 10.09 -12.08 6.63
N ASP A 40 10.97 -12.85 7.31
CA ASP A 40 12.39 -12.85 6.98
C ASP A 40 12.59 -13.84 5.84
N SER A 41 13.11 -13.33 4.72
CA SER A 41 13.24 -14.07 3.47
C SER A 41 14.15 -15.29 3.56
N ASP A 42 15.41 -15.16 4.04
CA ASP A 42 16.25 -16.35 3.99
C ASP A 42 15.99 -17.31 5.14
N SER A 43 15.75 -16.85 6.40
CA SER A 43 15.48 -17.79 7.51
C SER A 43 14.07 -18.40 7.45
N GLY A 44 13.18 -17.80 6.64
CA GLY A 44 11.79 -18.23 6.52
C GLY A 44 11.03 -18.09 7.84
N THR A 45 11.17 -16.94 8.56
CA THR A 45 10.50 -16.78 9.87
C THR A 45 9.65 -15.49 9.92
N ALA A 46 8.51 -15.57 10.64
CA ALA A 46 7.59 -14.45 10.79
C ALA A 46 8.07 -13.43 11.81
N ILE A 47 7.68 -12.17 11.56
CA ILE A 47 7.97 -11.02 12.42
C ILE A 47 6.62 -10.47 12.83
N PHE A 48 6.39 -10.38 14.14
CA PHE A 48 5.10 -9.93 14.65
C PHE A 48 5.24 -8.47 14.99
N LEU A 49 4.55 -7.60 14.23
CA LEU A 49 4.74 -6.15 14.37
C LEU A 49 3.93 -5.48 15.50
N LYS A 50 2.88 -6.11 15.95
CA LYS A 50 1.99 -5.62 17.00
C LYS A 50 1.89 -6.66 18.10
N PRO A 51 1.67 -6.27 19.38
CA PRO A 51 1.54 -7.28 20.44
C PRO A 51 0.34 -8.20 20.23
N TRP A 52 -0.66 -7.77 19.43
CA TRP A 52 -1.89 -8.53 19.18
C TRP A 52 -1.95 -9.23 17.82
N SER A 53 -0.82 -9.23 17.06
CA SER A 53 -0.63 -9.82 15.71
CA SER A 53 -0.78 -9.78 15.70
C SER A 53 -0.99 -11.30 15.64
N LYS A 54 -1.04 -12.02 16.78
CA LYS A 54 -1.32 -13.46 16.68
C LYS A 54 -2.84 -13.73 16.83
N GLY A 55 -3.64 -12.65 16.97
CA GLY A 55 -5.08 -12.73 17.16
C GLY A 55 -5.40 -13.53 18.40
N ASN A 56 -6.21 -14.54 18.22
CA ASN A 56 -6.59 -15.51 19.23
C ASN A 56 -5.91 -16.86 18.98
N PHE A 57 -4.96 -16.90 18.08
CA PHE A 57 -4.28 -18.13 17.84
C PHE A 57 -3.26 -18.34 18.94
N SER A 58 -3.10 -19.59 19.33
CA SER A 58 -2.10 -19.98 20.32
C SER A 58 -0.68 -19.92 19.70
N ASP A 59 0.37 -19.98 20.53
CA ASP A 59 1.75 -19.98 20.06
C ASP A 59 2.00 -21.21 19.18
N LYS A 60 1.43 -22.35 19.59
CA LYS A 60 1.50 -23.61 18.89
C LYS A 60 0.98 -23.50 17.46
N GLU A 61 -0.23 -22.97 17.32
CA GLU A 61 -0.82 -22.80 16.01
C GLU A 61 -0.04 -21.81 15.13
N VAL A 62 0.43 -20.74 15.71
CA VAL A 62 1.24 -19.75 15.00
C VAL A 62 2.57 -20.42 14.54
N ALA A 63 3.23 -21.24 15.43
CA ALA A 63 4.44 -21.92 15.02
C ALA A 63 4.10 -22.91 13.87
N GLU A 64 2.93 -23.55 13.92
CA GLU A 64 2.50 -24.50 12.89
C GLU A 64 2.33 -23.80 11.53
N LEU A 65 1.66 -22.64 11.50
CA LEU A 65 1.44 -21.85 10.30
C LEU A 65 2.72 -21.33 9.71
N GLU A 66 3.64 -20.84 10.58
CA GLU A 66 4.98 -20.37 10.20
C GLU A 66 5.74 -21.46 9.44
N GLU A 67 5.68 -22.73 9.94
CA GLU A 67 6.37 -23.87 9.31
C GLU A 67 5.73 -24.19 7.95
N ILE A 68 4.39 -24.06 7.84
CA ILE A 68 3.63 -24.22 6.59
C ILE A 68 4.14 -23.21 5.53
N PHE A 69 4.27 -21.91 5.92
CA PHE A 69 4.72 -20.86 5.00
C PHE A 69 6.21 -21.10 4.63
N ARG A 70 7.09 -21.39 5.62
CA ARG A 70 8.52 -21.69 5.42
CA ARG A 70 8.51 -21.66 5.39
C ARG A 70 8.72 -22.82 4.40
N VAL A 71 8.04 -23.97 4.61
CA VAL A 71 8.09 -25.16 3.73
C VAL A 71 7.52 -24.78 2.35
N TYR A 72 6.38 -24.05 2.31
CA TYR A 72 5.81 -23.59 1.03
C TYR A 72 6.80 -22.71 0.21
N ILE A 73 7.34 -21.64 0.83
CA ILE A 73 8.21 -20.62 0.21
C ILE A 73 9.47 -21.26 -0.39
N PHE A 74 10.21 -22.04 0.40
CA PHE A 74 11.42 -22.71 -0.06
C PHE A 74 11.03 -23.73 -1.15
N GLY A 75 9.96 -24.49 -0.92
CA GLY A 75 9.51 -25.51 -1.87
C GLY A 75 9.02 -24.94 -3.19
N PHE A 76 8.39 -23.73 -3.14
CA PHE A 76 7.90 -23.01 -4.34
C PHE A 76 9.09 -22.64 -5.25
N ALA A 77 10.19 -22.09 -4.68
CA ALA A 77 11.36 -21.70 -5.48
C ALA A 77 11.99 -22.92 -6.17
N ARG A 78 12.04 -24.07 -5.46
CA ARG A 78 12.57 -25.36 -5.88
C ARG A 78 11.83 -25.91 -7.09
N GLU A 79 10.49 -25.88 -7.03
CA GLU A 79 9.59 -26.37 -8.07
C GLU A 79 9.61 -25.46 -9.26
N VAL A 80 9.61 -24.13 -9.04
CA VAL A 80 9.64 -23.17 -10.16
C VAL A 80 10.95 -23.38 -10.95
N GLN A 81 12.10 -23.50 -10.26
CA GLN A 81 13.40 -23.76 -10.87
C GLN A 81 13.39 -25.06 -11.69
N ASP A 82 12.75 -26.15 -11.18
CA ASP A 82 12.63 -27.43 -11.93
C ASP A 82 11.76 -27.31 -13.18
N PHE A 83 10.61 -26.65 -13.06
CA PHE A 83 9.68 -26.53 -14.17
C PHE A 83 9.95 -25.31 -15.06
N ALA A 84 10.93 -24.46 -14.74
CA ALA A 84 11.23 -23.24 -15.53
C ALA A 84 11.45 -23.54 -17.02
N GLY A 85 12.23 -24.58 -17.32
CA GLY A 85 12.55 -25.02 -18.68
C GLY A 85 11.32 -25.39 -19.48
N ASP A 86 10.52 -26.31 -18.92
CA ASP A 86 9.25 -26.80 -19.49
C ASP A 86 8.28 -25.61 -19.76
N PHE A 87 8.31 -24.57 -18.89
CA PHE A 87 7.41 -23.42 -19.01
C PHE A 87 8.01 -22.27 -19.82
N GLN A 88 9.14 -22.50 -20.55
CA GLN A 88 9.80 -21.56 -21.46
C GLN A 88 10.08 -20.21 -20.75
N MET A 89 10.52 -20.27 -19.50
CA MET A 89 10.80 -19.12 -18.67
C MET A 89 12.14 -18.52 -18.96
N LYS A 90 12.17 -17.22 -19.32
CA LYS A 90 13.42 -16.49 -19.48
C LYS A 90 13.70 -15.70 -18.19
N TYR A 91 14.91 -15.85 -17.67
CA TYR A 91 15.34 -15.15 -16.46
C TYR A 91 15.81 -13.73 -16.80
N PRO A 92 15.60 -12.72 -15.92
CA PRO A 92 14.92 -12.81 -14.62
C PRO A 92 13.40 -12.70 -14.75
N PHE A 93 12.68 -13.23 -13.79
CA PHE A 93 11.23 -13.11 -13.76
C PHE A 93 10.76 -12.98 -12.31
N GLU A 94 9.58 -12.37 -12.13
CA GLU A 94 8.99 -12.14 -10.82
C GLU A 94 7.54 -12.66 -10.74
N ILE A 95 7.27 -13.39 -9.69
CA ILE A 95 5.97 -13.99 -9.35
C ILE A 95 5.43 -13.34 -8.09
N GLN A 96 4.16 -12.96 -8.13
CA GLN A 96 3.51 -12.38 -6.97
C GLN A 96 2.29 -13.20 -6.64
N GLY A 97 1.92 -13.15 -5.37
CA GLY A 97 0.74 -13.83 -4.87
C GLY A 97 0.11 -13.06 -3.73
N ILE A 98 -1.21 -13.21 -3.57
CA ILE A 98 -1.99 -12.62 -2.49
C ILE A 98 -3.11 -13.62 -2.12
N ALA A 99 -3.27 -13.92 -0.82
CA ALA A 99 -4.29 -14.82 -0.29
C ALA A 99 -4.82 -14.27 1.01
N GLY A 100 -6.10 -14.43 1.23
CA GLY A 100 -6.68 -13.95 2.47
C GLY A 100 -8.18 -14.06 2.45
N CYS A 101 -8.82 -13.32 3.35
CA CYS A 101 -10.27 -13.38 3.50
C CYS A 101 -10.79 -12.07 4.00
N GLU A 102 -12.10 -11.83 3.78
CA GLU A 102 -12.72 -10.57 4.12
CA GLU A 102 -12.71 -10.56 4.15
C GLU A 102 -14.12 -10.72 4.72
N LEU A 103 -14.43 -9.89 5.76
CA LEU A 103 -15.73 -9.85 6.42
C LEU A 103 -16.64 -8.85 5.72
N HIS A 104 -17.76 -9.36 5.17
CA HIS A 104 -18.74 -8.51 4.45
C HIS A 104 -19.87 -8.04 5.39
N SER A 105 -20.62 -7.01 4.97
CA SER A 105 -21.82 -6.64 5.72
C SER A 105 -22.81 -7.80 5.56
N GLY A 106 -23.42 -8.19 6.68
CA GLY A 106 -24.29 -9.36 6.73
C GLY A 106 -23.56 -10.50 7.42
N GLY A 107 -22.24 -10.35 7.56
CA GLY A 107 -21.40 -11.29 8.27
C GLY A 107 -20.69 -12.37 7.51
N ALA A 108 -20.93 -12.54 6.21
CA ALA A 108 -20.24 -13.58 5.44
C ALA A 108 -18.74 -13.24 5.28
N ILE A 109 -17.87 -14.28 5.39
CA ILE A 109 -16.44 -14.12 5.18
C ILE A 109 -16.19 -14.73 3.79
N VAL A 110 -15.56 -13.97 2.90
CA VAL A 110 -15.24 -14.40 1.55
C VAL A 110 -13.71 -14.55 1.45
N SER A 111 -13.24 -15.61 0.82
CA SER A 111 -11.80 -15.90 0.68
C SER A 111 -11.33 -15.66 -0.77
N PHE A 112 -10.06 -15.31 -0.92
CA PHE A 112 -9.44 -15.03 -2.21
C PHE A 112 -7.97 -15.45 -2.25
N LEU A 113 -7.52 -15.88 -3.43
CA LEU A 113 -6.14 -16.22 -3.69
C LEU A 113 -5.85 -15.81 -5.15
N ARG A 114 -4.92 -14.83 -5.35
CA ARG A 114 -4.56 -14.41 -6.71
C ARG A 114 -3.08 -14.50 -6.94
N GLY A 115 -2.72 -14.84 -8.18
CA GLY A 115 -1.32 -14.97 -8.59
C GLY A 115 -1.00 -14.14 -9.82
N ALA A 116 0.24 -13.59 -9.88
CA ALA A 116 0.71 -12.85 -11.07
C ALA A 116 2.05 -13.35 -11.54
N LEU A 117 2.36 -13.10 -12.83
CA LEU A 117 3.68 -13.39 -13.41
C LEU A 117 4.05 -12.24 -14.33
N GLY A 118 5.20 -11.68 -14.08
CA GLY A 118 5.70 -10.52 -14.78
C GLY A 118 4.87 -9.27 -14.63
N GLY A 119 4.20 -9.15 -13.51
CA GLY A 119 3.33 -8.04 -13.21
C GLY A 119 1.91 -8.17 -13.77
N LEU A 120 1.65 -9.23 -14.52
CA LEU A 120 0.38 -9.49 -15.13
C LEU A 120 -0.38 -10.64 -14.41
N ASP A 121 -1.70 -10.55 -14.38
CA ASP A 121 -2.54 -11.58 -13.82
C ASP A 121 -2.20 -12.94 -14.41
N PHE A 122 -2.11 -13.93 -13.56
CA PHE A 122 -1.79 -15.29 -13.92
C PHE A 122 -2.89 -16.28 -13.54
N LEU A 123 -3.31 -16.27 -12.29
CA LEU A 123 -4.36 -17.21 -11.88
C LEU A 123 -5.14 -16.64 -10.68
N SER A 124 -6.28 -17.24 -10.39
CA SER A 124 -7.09 -16.91 -9.22
C SER A 124 -7.73 -18.19 -8.70
N VAL A 125 -8.19 -18.17 -7.44
CA VAL A 125 -8.83 -19.34 -6.88
C VAL A 125 -10.29 -19.02 -6.67
N LYS A 126 -11.15 -19.88 -7.21
CA LYS A 126 -12.60 -19.77 -7.10
C LYS A 126 -13.16 -21.15 -6.82
N ASN A 127 -14.01 -21.25 -5.78
CA ASN A 127 -14.66 -22.49 -5.34
C ASN A 127 -13.61 -23.62 -5.20
N ALA A 128 -12.52 -23.35 -4.42
CA ALA A 128 -11.39 -24.27 -4.15
C ALA A 128 -10.74 -24.84 -5.45
N SER A 129 -10.80 -24.06 -6.54
CA SER A 129 -10.22 -24.48 -7.82
CA SER A 129 -10.25 -24.47 -7.83
C SER A 129 -9.33 -23.39 -8.45
N CYS A 130 -8.33 -23.86 -9.22
CA CYS A 130 -7.34 -23.07 -9.94
C CYS A 130 -7.98 -22.52 -11.23
N VAL A 131 -8.22 -21.20 -11.30
CA VAL A 131 -8.77 -20.58 -12.51
C VAL A 131 -7.62 -19.88 -13.28
N PRO A 132 -7.30 -20.30 -14.54
CA PRO A 132 -6.26 -19.59 -15.29
C PRO A 132 -6.77 -18.26 -15.78
N SER A 133 -5.96 -17.21 -15.66
CA SER A 133 -6.31 -15.88 -16.14
CA SER A 133 -6.30 -15.88 -16.12
C SER A 133 -5.97 -15.73 -17.61
N PRO A 134 -6.83 -15.07 -18.45
CA PRO A 134 -6.48 -14.88 -19.88
C PRO A 134 -5.05 -14.35 -20.13
N GLU A 135 -4.58 -13.39 -19.31
CA GLU A 135 -3.22 -12.79 -19.40
C GLU A 135 -2.11 -13.83 -19.22
N GLY A 136 -2.39 -14.91 -18.46
CA GLY A 136 -1.43 -16.00 -18.24
C GLY A 136 -1.27 -16.92 -19.44
N GLY A 137 -2.26 -16.95 -20.33
CA GLY A 137 -2.22 -17.73 -21.57
C GLY A 137 -2.12 -19.23 -21.38
N SER A 138 -1.43 -19.90 -22.33
CA SER A 138 -1.23 -21.34 -22.28
C SER A 138 -0.41 -21.73 -21.03
N ARG A 139 0.50 -20.84 -20.55
CA ARG A 139 1.32 -21.10 -19.37
C ARG A 139 0.45 -21.22 -18.10
N ALA A 140 -0.58 -20.35 -17.94
CA ALA A 140 -1.50 -20.41 -16.78
C ALA A 140 -2.42 -21.65 -16.87
N GLN A 141 -2.89 -21.98 -18.09
CA GLN A 141 -3.69 -23.18 -18.35
C GLN A 141 -2.88 -24.42 -17.96
N LYS A 142 -1.57 -24.46 -18.32
CA LYS A 142 -0.65 -25.55 -17.99
C LYS A 142 -0.37 -25.63 -16.49
N PHE A 143 -0.13 -24.47 -15.82
CA PHE A 143 0.13 -24.43 -14.38
C PHE A 143 -1.04 -25.03 -13.58
N CYS A 144 -2.29 -24.73 -13.99
CA CYS A 144 -3.47 -25.20 -13.26
C CYS A 144 -3.67 -26.69 -13.50
N ALA A 145 -3.30 -27.20 -14.68
CA ALA A 145 -3.37 -28.62 -15.03
C ALA A 145 -2.44 -29.44 -14.16
N LEU A 146 -1.30 -28.87 -13.81
CA LEU A 146 -0.24 -29.47 -13.04
C LEU A 146 -0.46 -29.39 -11.52
N ILE A 147 -0.97 -28.25 -11.03
CA ILE A 147 -1.13 -28.04 -9.60
C ILE A 147 -2.26 -28.92 -9.02
N ILE A 148 -3.27 -29.31 -9.82
CA ILE A 148 -4.36 -30.14 -9.30
C ILE A 148 -3.93 -31.63 -9.15
N GLN A 149 -2.80 -32.02 -9.79
CA GLN A 149 -2.20 -33.36 -9.71
C GLN A 149 -1.72 -33.70 -8.28
N TYR A 150 -1.68 -32.68 -7.41
CA TYR A 150 -1.17 -32.79 -6.04
C TYR A 150 -2.27 -32.41 -5.07
N GLN A 151 -3.05 -33.42 -4.65
CA GLN A 151 -4.19 -33.32 -3.73
C GLN A 151 -3.78 -32.72 -2.37
N GLY A 152 -2.50 -32.88 -1.98
CA GLY A 152 -1.94 -32.36 -0.73
C GLY A 152 -1.96 -30.85 -0.66
N ILE A 153 -1.37 -30.18 -1.70
CA ILE A 153 -1.28 -28.72 -1.86
C ILE A 153 -2.68 -28.14 -1.89
N MET A 154 -3.52 -28.76 -2.70
CA MET A 154 -4.91 -28.38 -2.88
C MET A 154 -5.70 -28.36 -1.59
N GLU A 155 -5.62 -29.44 -0.84
CA GLU A 155 -6.27 -29.60 0.43
C GLU A 155 -5.82 -28.52 1.39
N THR A 156 -4.53 -28.32 1.49
CA THR A 156 -3.93 -27.34 2.37
C THR A 156 -4.37 -25.92 2.04
N VAL A 157 -4.38 -25.57 0.77
CA VAL A 157 -4.81 -24.26 0.30
C VAL A 157 -6.28 -24.09 0.71
N ARG A 158 -7.12 -25.15 0.54
CA ARG A 158 -8.53 -25.11 0.90
C ARG A 158 -8.72 -24.80 2.38
N ILE A 159 -8.01 -25.55 3.25
CA ILE A 159 -8.11 -25.40 4.70
C ILE A 159 -7.70 -23.99 5.10
N LEU A 160 -6.52 -23.54 4.63
CA LEU A 160 -6.00 -22.21 4.96
C LEU A 160 -6.97 -21.12 4.52
N LEU A 161 -7.46 -21.20 3.26
CA LEU A 161 -8.39 -20.20 2.70
C LEU A 161 -9.76 -20.17 3.39
N TYR A 162 -10.44 -21.33 3.47
CA TYR A 162 -11.84 -21.38 3.90
C TYR A 162 -12.07 -21.72 5.36
N GLU A 163 -11.05 -22.18 6.10
CA GLU A 163 -11.24 -22.56 7.48
C GLU A 163 -10.31 -21.84 8.45
N THR A 164 -9.04 -21.68 8.09
CA THR A 164 -8.08 -21.01 9.01
C THR A 164 -8.26 -19.50 8.94
N CYS A 165 -8.22 -18.94 7.72
CA CYS A 165 -8.31 -17.51 7.51
C CYS A 165 -9.56 -16.90 8.19
N PRO A 166 -10.80 -17.45 8.06
CA PRO A 166 -11.97 -16.74 8.69
C PRO A 166 -11.88 -16.67 10.22
N ARG A 167 -11.44 -17.72 10.86
CA ARG A 167 -11.29 -17.69 12.30
C ARG A 167 -10.14 -16.79 12.72
N TYR A 168 -9.06 -16.79 11.94
CA TYR A 168 -7.93 -15.93 12.21
C TYR A 168 -8.37 -14.45 12.11
N LEU A 169 -9.05 -14.09 11.02
CA LEU A 169 -9.52 -12.75 10.77
C LEU A 169 -10.42 -12.22 11.92
N LEU A 170 -11.41 -12.99 12.37
CA LEU A 170 -12.29 -12.59 13.47
C LEU A 170 -11.48 -12.39 14.80
N GLY A 171 -10.54 -13.27 15.06
CA GLY A 171 -9.72 -13.20 16.25
C GLY A 171 -8.78 -12.02 16.29
N VAL A 172 -8.19 -11.69 15.15
CA VAL A 172 -7.21 -10.59 15.09
C VAL A 172 -7.93 -9.22 15.02
N LEU A 173 -9.13 -9.13 14.37
CA LEU A 173 -9.90 -7.87 14.38
C LEU A 173 -10.34 -7.56 15.83
N ASN A 174 -10.66 -8.63 16.62
CA ASN A 174 -10.96 -8.46 18.03
C ASN A 174 -9.71 -8.11 18.85
N ALA A 175 -8.65 -8.94 18.75
CA ALA A 175 -7.41 -8.72 19.53
C ALA A 175 -6.80 -7.32 19.28
N GLY A 176 -6.91 -6.80 18.06
CA GLY A 176 -6.32 -5.49 17.77
C GLY A 176 -7.24 -4.29 17.79
N LYS A 177 -8.50 -4.46 18.22
CA LYS A 177 -9.51 -3.39 18.14
C LYS A 177 -9.08 -2.04 18.82
N ALA A 178 -8.15 -2.03 19.78
CA ALA A 178 -7.69 -0.77 20.42
C ALA A 178 -6.93 0.10 19.39
N ASP A 179 -6.26 -0.53 18.40
CA ASP A 179 -5.58 0.18 17.29
C ASP A 179 -6.43 0.21 16.05
N LEU A 180 -7.13 -0.88 15.74
CA LEU A 180 -7.88 -0.93 14.49
C LEU A 180 -9.13 -0.07 14.46
N GLN A 181 -9.72 0.18 15.61
CA GLN A 181 -10.95 0.96 15.68
C GLN A 181 -10.75 2.29 16.48
N ARG A 182 -9.51 2.74 16.58
CA ARG A 182 -9.26 4.01 17.24
C ARG A 182 -9.70 5.11 16.27
N GLN A 183 -9.85 6.34 16.76
CA GLN A 183 -10.24 7.48 15.97
C GLN A 183 -9.14 8.51 16.14
N VAL A 184 -8.56 8.97 15.02
CA VAL A 184 -7.50 10.01 15.02
C VAL A 184 -7.97 11.16 14.12
N LYS A 185 -8.03 12.37 14.67
CA LYS A 185 -8.52 13.54 13.95
C LYS A 185 -7.56 14.05 12.86
N PRO A 186 -8.11 14.45 11.71
CA PRO A 186 -7.26 15.10 10.71
C PRO A 186 -6.99 16.55 11.06
N GLU A 187 -5.93 17.08 10.45
CA GLU A 187 -5.64 18.49 10.43
C GLU A 187 -5.71 18.85 8.95
N ALA A 188 -6.13 20.08 8.64
CA ALA A 188 -6.24 20.49 7.25
C ALA A 188 -5.63 21.86 7.02
N TRP A 189 -5.13 22.14 5.80
CA TRP A 189 -4.58 23.46 5.47
C TRP A 189 -4.69 23.74 3.96
N LEU A 190 -4.60 25.01 3.59
CA LEU A 190 -4.75 25.40 2.20
C LEU A 190 -3.46 25.86 1.62
N SER A 191 -3.31 25.66 0.29
CA SER A 191 -2.20 26.16 -0.50
C SER A 191 -2.65 26.44 -1.94
N SER A 192 -1.80 27.12 -2.74
CA SER A 192 -2.11 27.38 -4.14
C SER A 192 -1.14 26.56 -4.98
N GLY A 193 -1.67 25.73 -5.89
CA GLY A 193 -0.89 24.86 -6.76
C GLY A 193 -0.48 25.55 -8.05
N PRO A 194 0.20 24.86 -9.00
CA PRO A 194 0.57 25.53 -10.26
C PRO A 194 -0.69 25.86 -11.06
N SER A 195 -0.64 26.93 -11.86
CA SER A 195 -1.75 27.35 -12.71
C SER A 195 -2.16 26.24 -13.70
N PRO A 196 -3.44 25.82 -13.71
CA PRO A 196 -3.86 24.74 -14.64
C PRO A 196 -4.01 25.19 -16.08
N GLY A 197 -4.11 26.51 -16.30
CA GLY A 197 -4.30 27.09 -17.63
C GLY A 197 -4.49 28.60 -17.62
N PRO A 198 -4.73 29.20 -18.82
CA PRO A 198 -4.86 30.66 -18.91
C PRO A 198 -5.94 31.26 -18.02
N GLY A 199 -5.54 32.24 -17.22
CA GLY A 199 -6.36 32.97 -16.25
C GLY A 199 -6.92 32.10 -15.13
N ARG A 200 -6.34 30.89 -14.93
CA ARG A 200 -6.80 29.92 -13.91
C ARG A 200 -5.81 29.75 -12.77
N LEU A 201 -6.35 29.38 -11.61
CA LEU A 201 -5.61 29.03 -10.39
C LEU A 201 -5.97 27.62 -10.01
N GLN A 202 -5.11 26.99 -9.24
CA GLN A 202 -5.38 25.71 -8.63
C GLN A 202 -5.29 25.90 -7.10
N LEU A 203 -6.38 25.59 -6.39
CA LEU A 203 -6.45 25.69 -4.95
C LEU A 203 -6.35 24.31 -4.37
N VAL A 204 -5.56 24.16 -3.29
CA VAL A 204 -5.29 22.83 -2.72
C VAL A 204 -5.73 22.76 -1.29
N CYS A 205 -6.52 21.73 -0.97
CA CYS A 205 -6.92 21.52 0.41
C CYS A 205 -6.26 20.27 0.92
N HIS A 206 -5.33 20.41 1.85
CA HIS A 206 -4.57 19.28 2.39
C HIS A 206 -5.25 18.73 3.63
N VAL A 207 -5.45 17.40 3.71
CA VAL A 207 -6.07 16.75 4.87
C VAL A 207 -5.14 15.63 5.33
N SER A 208 -4.59 15.71 6.55
CA SER A 208 -3.58 14.74 6.94
C SER A 208 -3.66 14.32 8.41
N GLY A 209 -3.35 13.06 8.65
CA GLY A 209 -3.26 12.49 9.98
C GLY A 209 -4.51 11.82 10.48
N PHE A 210 -5.46 11.56 9.57
CA PHE A 210 -6.71 10.94 9.96
C PHE A 210 -6.62 9.42 9.97
N TYR A 211 -7.48 8.83 10.81
CA TYR A 211 -7.67 7.40 10.95
C TYR A 211 -9.06 7.18 11.58
N PRO A 212 -9.91 6.26 11.05
CA PRO A 212 -9.69 5.34 9.92
C PRO A 212 -9.66 6.07 8.56
N LYS A 213 -9.39 5.32 7.48
CA LYS A 213 -9.27 5.79 6.12
C LYS A 213 -10.51 6.55 5.57
N PRO A 214 -11.81 6.15 5.75
CA PRO A 214 -12.93 6.92 5.14
C PRO A 214 -12.92 8.37 5.60
N VAL A 215 -12.93 9.31 4.64
CA VAL A 215 -12.87 10.75 4.81
C VAL A 215 -13.61 11.41 3.63
N TRP A 216 -14.17 12.56 3.87
CA TRP A 216 -14.95 13.36 2.92
C TRP A 216 -14.35 14.74 2.89
N VAL A 217 -13.86 15.18 1.74
CA VAL A 217 -13.24 16.48 1.58
C VAL A 217 -13.80 17.08 0.29
N MET A 218 -14.31 18.30 0.40
CA MET A 218 -14.89 18.99 -0.75
CA MET A 218 -14.90 18.99 -0.74
C MET A 218 -14.63 20.48 -0.71
N TRP A 219 -14.47 21.08 -1.90
CA TRP A 219 -14.36 22.51 -2.07
C TRP A 219 -15.80 22.93 -2.13
N MET A 220 -16.15 24.02 -1.44
CA MET A 220 -17.51 24.53 -1.28
C MET A 220 -17.63 25.99 -1.59
N ARG A 221 -18.87 26.42 -1.83
CA ARG A 221 -19.31 27.80 -1.92
C ARG A 221 -20.52 27.85 -0.99
N GLY A 222 -20.24 28.06 0.31
CA GLY A 222 -21.25 28.02 1.37
C GLY A 222 -21.64 26.57 1.60
N GLU A 223 -22.93 26.24 1.35
CA GLU A 223 -23.44 24.87 1.47
C GLU A 223 -23.38 24.13 0.14
N GLN A 224 -22.87 24.79 -0.92
CA GLN A 224 -22.84 24.18 -2.24
C GLN A 224 -21.50 23.53 -2.59
N GLU A 225 -21.51 22.19 -2.75
CA GLU A 225 -20.33 21.41 -3.13
C GLU A 225 -19.90 21.74 -4.54
N GLN A 226 -18.62 22.04 -4.72
CA GLN A 226 -18.06 22.36 -6.05
C GLN A 226 -17.74 21.07 -6.77
N GLN A 227 -18.46 20.78 -7.87
CA GLN A 227 -18.26 19.51 -8.60
C GLN A 227 -16.90 19.39 -9.28
N GLY A 228 -16.18 20.48 -9.43
CA GLY A 228 -14.85 20.48 -10.00
C GLY A 228 -13.79 19.89 -9.07
N THR A 229 -14.16 19.64 -7.78
CA THR A 229 -13.22 19.11 -6.78
C THR A 229 -12.62 17.80 -7.26
N GLN A 230 -11.29 17.79 -7.40
CA GLN A 230 -10.51 16.63 -7.82
C GLN A 230 -9.81 16.05 -6.62
N LEU A 231 -10.08 14.78 -6.32
CA LEU A 231 -9.40 14.13 -5.20
C LEU A 231 -8.12 13.49 -5.68
N GLY A 232 -7.05 13.69 -4.93
CA GLY A 232 -5.78 13.05 -5.23
C GLY A 232 -5.80 11.63 -4.68
N ASP A 233 -4.69 10.91 -4.80
CA ASP A 233 -4.63 9.56 -4.25
C ASP A 233 -4.49 9.65 -2.74
N ILE A 234 -5.17 8.76 -2.01
CA ILE A 234 -5.03 8.75 -0.54
C ILE A 234 -3.63 8.12 -0.25
N LEU A 235 -2.72 8.92 0.30
CA LEU A 235 -1.32 8.58 0.58
C LEU A 235 -1.12 8.21 2.03
N PRO A 236 -0.18 7.30 2.32
CA PRO A 236 0.08 6.97 3.72
C PRO A 236 1.07 7.92 4.42
N ASN A 237 0.90 7.98 5.72
CA ASN A 237 1.79 8.59 6.69
C ASN A 237 2.32 7.47 7.52
N ALA A 238 3.36 7.76 8.30
CA ALA A 238 3.83 6.88 9.34
C ALA A 238 2.72 6.77 10.39
N ASN A 239 2.73 5.71 11.19
CA ASN A 239 1.84 5.50 12.33
C ASN A 239 0.35 5.38 11.95
N TRP A 240 0.10 4.62 10.88
CA TRP A 240 -1.25 4.27 10.43
C TRP A 240 -2.20 5.46 10.32
N THR A 241 -1.79 6.51 9.58
CA THR A 241 -2.66 7.63 9.26
C THR A 241 -2.54 7.90 7.78
N TRP A 242 -3.40 8.77 7.25
N TRP A 242 -3.42 8.76 7.23
CA TRP A 242 -3.46 9.07 5.82
CA TRP A 242 -3.39 9.11 5.81
C TRP A 242 -3.39 10.55 5.51
C TRP A 242 -3.34 10.58 5.51
N TYR A 243 -3.00 10.85 4.24
CA TYR A 243 -2.83 12.17 3.66
C TYR A 243 -3.61 12.24 2.35
N LEU A 244 -4.38 13.33 2.17
CA LEU A 244 -5.19 13.54 0.98
C LEU A 244 -5.20 15.00 0.55
N ARG A 245 -5.15 15.24 -0.75
CA ARG A 245 -5.25 16.56 -1.34
C ARG A 245 -6.48 16.59 -2.21
N ALA A 246 -7.33 17.60 -1.99
CA ALA A 246 -8.51 17.88 -2.79
C ALA A 246 -8.21 19.25 -3.48
N THR A 247 -8.18 19.26 -4.81
CA THR A 247 -7.84 20.45 -5.56
C THR A 247 -9.06 20.98 -6.34
N LEU A 248 -8.99 22.26 -6.70
CA LEU A 248 -10.04 22.90 -7.49
C LEU A 248 -9.39 23.89 -8.45
N ASP A 249 -9.76 23.77 -9.74
CA ASP A 249 -9.38 24.68 -10.82
C ASP A 249 -10.44 25.78 -10.92
N VAL A 250 -10.01 27.01 -10.76
CA VAL A 250 -10.88 28.18 -10.86
C VAL A 250 -10.27 29.40 -11.56
N ALA A 251 -11.09 30.20 -12.16
CA ALA A 251 -10.61 31.41 -12.79
C ALA A 251 -10.22 32.37 -11.69
N ASP A 252 -9.15 33.18 -11.90
CA ASP A 252 -8.81 34.18 -10.89
C ASP A 252 -9.96 35.19 -10.92
N GLY A 253 -10.42 35.54 -9.75
CA GLY A 253 -11.55 36.45 -9.62
C GLY A 253 -12.77 35.68 -9.19
N GLU A 254 -12.69 34.35 -9.29
CA GLU A 254 -13.78 33.47 -8.90
C GLU A 254 -13.40 32.62 -7.68
N ALA A 255 -12.16 32.73 -7.20
CA ALA A 255 -11.65 31.99 -6.04
C ALA A 255 -12.21 32.54 -4.72
N ALA A 256 -12.57 33.85 -4.69
CA ALA A 256 -13.12 34.44 -3.46
C ALA A 256 -14.49 33.84 -3.18
N GLY A 257 -14.72 33.41 -1.95
CA GLY A 257 -15.96 32.77 -1.51
C GLY A 257 -15.84 31.26 -1.37
N LEU A 258 -14.67 30.72 -1.72
CA LEU A 258 -14.39 29.30 -1.62
C LEU A 258 -13.98 28.88 -0.22
N SER A 259 -14.39 27.69 0.16
CA SER A 259 -14.00 27.05 1.41
C SER A 259 -13.76 25.55 1.18
N CYS A 260 -12.94 24.93 2.04
CA CYS A 260 -12.74 23.51 2.02
C CYS A 260 -13.36 22.91 3.29
N ARG A 261 -14.24 21.91 3.13
CA ARG A 261 -14.90 21.31 4.29
C ARG A 261 -14.47 19.86 4.43
N VAL A 262 -14.17 19.43 5.67
CA VAL A 262 -13.77 18.05 5.96
C VAL A 262 -14.76 17.39 6.94
N LYS A 263 -15.28 16.24 6.53
CA LYS A 263 -16.13 15.36 7.33
C LYS A 263 -15.33 14.09 7.61
N HIS A 264 -15.22 13.70 8.88
CA HIS A 264 -14.51 12.48 9.29
C HIS A 264 -15.12 11.96 10.57
N SER A 265 -15.17 10.65 10.74
CA SER A 265 -15.75 9.95 11.90
C SER A 265 -15.27 10.54 13.25
N SER A 266 -13.96 10.83 13.36
CA SER A 266 -13.31 11.36 14.56
C SER A 266 -13.77 12.76 14.96
N LEU A 267 -14.36 13.53 14.05
CA LEU A 267 -14.75 14.93 14.33
C LEU A 267 -16.07 15.04 15.06
N GLU A 268 -16.89 13.96 15.05
CA GLU A 268 -18.19 13.88 15.74
C GLU A 268 -19.12 15.01 15.30
N GLY A 269 -19.34 15.11 13.99
CA GLY A 269 -20.19 16.13 13.39
C GLY A 269 -19.64 17.55 13.39
N GLN A 270 -18.42 17.76 13.88
CA GLN A 270 -17.87 19.12 13.89
C GLN A 270 -16.83 19.20 12.76
N ASP A 271 -17.32 19.41 11.54
CA ASP A 271 -16.56 19.49 10.30
C ASP A 271 -15.46 20.54 10.35
N ILE A 272 -14.33 20.27 9.72
CA ILE A 272 -13.27 21.27 9.61
C ILE A 272 -13.65 22.16 8.43
N ILE A 273 -13.65 23.50 8.61
CA ILE A 273 -13.96 24.42 7.49
C ILE A 273 -12.87 25.42 7.38
N LEU A 274 -12.19 25.42 6.22
CA LEU A 274 -11.12 26.34 5.87
C LEU A 274 -11.64 27.31 4.84
N TYR A 275 -11.22 28.58 4.92
CA TYR A 275 -11.72 29.60 4.01
C TYR A 275 -10.60 30.17 3.19
N TRP A 276 -10.73 30.10 1.86
CA TRP A 276 -9.74 30.74 1.00
C TRP A 276 -9.97 32.25 1.05
N ARG A 277 -8.91 33.03 1.28
CA ARG A 277 -9.03 34.48 1.33
C ARG A 277 -8.26 35.08 0.16
N GLY A 278 -8.72 36.22 -0.32
CA GLY A 278 -8.11 36.85 -1.49
C GLY A 278 -6.84 37.63 -1.20
N SER A 279 -6.20 38.11 -2.27
CA SER A 279 -5.02 38.99 -2.30
C SER A 279 -3.93 38.61 -1.25
N GLY A 280 -3.61 37.32 -1.18
CA GLY A 280 -2.60 36.78 -0.28
C GLY A 280 -2.86 36.96 1.21
N LEU A 281 -4.14 36.80 1.64
CA LEU A 281 -4.52 36.93 3.04
C LEU A 281 -4.67 35.57 3.70
N ASN A 282 -3.82 34.60 3.28
CA ASN A 282 -3.78 33.22 3.80
C ASN A 282 -2.46 32.91 4.52
N ILE B 1 7.10 -4.06 -20.46
CA ILE B 1 6.99 -5.17 -19.51
C ILE B 1 7.42 -4.64 -18.10
N GLN B 2 8.42 -3.73 -18.03
CA GLN B 2 8.87 -3.10 -16.78
C GLN B 2 8.24 -1.72 -16.65
N ARG B 3 7.91 -1.31 -15.40
CA ARG B 3 7.26 -0.04 -15.08
C ARG B 3 8.17 0.79 -14.17
N THR B 4 8.38 2.06 -14.52
N THR B 4 8.39 2.06 -14.53
CA THR B 4 9.26 2.95 -13.77
CA THR B 4 9.26 2.98 -13.80
C THR B 4 8.53 3.52 -12.53
C THR B 4 8.53 3.55 -12.55
N PRO B 5 9.25 3.74 -11.41
CA PRO B 5 8.59 4.30 -10.21
C PRO B 5 8.12 5.76 -10.34
N LYS B 6 6.94 6.00 -9.79
CA LYS B 6 6.34 7.31 -9.56
C LYS B 6 6.81 7.72 -8.14
N ILE B 7 7.25 8.96 -7.94
CA ILE B 7 7.80 9.47 -6.67
C ILE B 7 6.97 10.66 -6.21
N GLN B 8 6.43 10.62 -4.98
CA GLN B 8 5.63 11.70 -4.36
C GLN B 8 6.26 12.04 -3.02
N VAL B 9 6.66 13.30 -2.84
CA VAL B 9 7.35 13.80 -1.63
C VAL B 9 6.40 14.80 -0.99
N TYR B 10 6.06 14.57 0.27
CA TYR B 10 5.13 15.44 1.01
C TYR B 10 5.45 15.43 2.51
N SER B 11 5.08 16.50 3.21
CA SER B 11 5.27 16.55 4.65
C SER B 11 3.97 16.17 5.36
N ARG B 12 4.08 15.49 6.51
CA ARG B 12 2.94 15.07 7.32
C ARG B 12 2.12 16.29 7.82
N HIS B 13 2.83 17.36 8.22
CA HIS B 13 2.21 18.56 8.76
C HIS B 13 2.46 19.73 7.84
N PRO B 14 1.68 20.84 7.90
CA PRO B 14 2.05 22.01 7.06
C PRO B 14 3.45 22.49 7.49
N ALA B 15 4.35 22.77 6.53
CA ALA B 15 5.71 23.21 6.84
C ALA B 15 5.75 24.58 7.56
N GLU B 16 6.44 24.60 8.68
CA GLU B 16 6.61 25.81 9.48
C GLU B 16 8.06 25.80 9.91
N ASN B 17 8.85 26.79 9.42
CA ASN B 17 10.27 26.89 9.68
C ASN B 17 10.56 26.80 11.18
N GLY B 18 11.40 25.82 11.55
CA GLY B 18 11.80 25.55 12.92
C GLY B 18 10.91 24.61 13.70
N LYS B 19 9.81 24.15 13.09
CA LYS B 19 8.86 23.27 13.78
C LYS B 19 9.11 21.86 13.27
N SER B 20 9.24 20.94 14.18
CA SER B 20 9.46 19.55 13.87
C SER B 20 8.30 18.96 13.03
N ASN B 21 8.60 18.01 12.18
CA ASN B 21 7.66 17.48 11.19
C ASN B 21 8.16 16.12 10.67
N PHE B 22 7.44 15.52 9.71
CA PHE B 22 7.81 14.25 9.06
C PHE B 22 7.85 14.43 7.53
N LEU B 23 8.92 13.91 6.90
CA LEU B 23 9.11 13.96 5.47
C LEU B 23 8.84 12.57 4.91
N ASN B 24 7.81 12.47 4.03
CA ASN B 24 7.39 11.21 3.43
C ASN B 24 7.72 11.11 1.98
N CYS B 25 8.13 9.94 1.54
CA CYS B 25 8.34 9.69 0.13
C CYS B 25 7.62 8.40 -0.23
N TYR B 26 6.54 8.53 -1.05
CA TYR B 26 5.73 7.42 -1.53
C TYR B 26 6.20 7.02 -2.93
N VAL B 27 6.77 5.81 -3.06
CA VAL B 27 7.32 5.30 -4.31
C VAL B 27 6.39 4.22 -4.76
N SER B 28 5.76 4.38 -5.93
CA SER B 28 4.72 3.45 -6.40
C SER B 28 4.71 3.29 -7.91
N GLY B 29 3.88 2.36 -8.37
CA GLY B 29 3.65 2.08 -9.77
C GLY B 29 4.80 1.37 -10.46
N PHE B 30 5.76 0.81 -9.71
CA PHE B 30 6.93 0.16 -10.31
C PHE B 30 6.88 -1.35 -10.38
N HIS B 31 7.71 -1.88 -11.29
CA HIS B 31 7.90 -3.29 -11.58
C HIS B 31 9.18 -3.51 -12.39
N PRO B 32 10.05 -4.46 -12.04
CA PRO B 32 10.05 -5.38 -10.90
C PRO B 32 10.30 -4.75 -9.47
N SER B 33 10.27 -5.56 -8.44
CA SER B 33 10.33 -5.10 -7.02
C SER B 33 11.65 -4.46 -6.57
N ASP B 34 12.82 -4.93 -7.09
CA ASP B 34 14.12 -4.41 -6.64
C ASP B 34 14.23 -2.88 -6.86
N ILE B 35 14.55 -2.15 -5.79
CA ILE B 35 14.57 -0.69 -5.81
C ILE B 35 15.43 -0.18 -4.71
N GLU B 36 15.95 1.04 -4.87
CA GLU B 36 16.83 1.70 -3.91
C GLU B 36 16.24 3.08 -3.59
N VAL B 37 15.90 3.35 -2.31
CA VAL B 37 15.26 4.62 -1.92
C VAL B 37 16.06 5.23 -0.77
N ASP B 38 16.35 6.53 -0.90
CA ASP B 38 17.05 7.34 0.07
C ASP B 38 16.34 8.68 0.25
N LEU B 39 16.34 9.22 1.48
CA LEU B 39 15.88 10.58 1.70
C LEU B 39 17.14 11.42 1.89
N LEU B 40 17.16 12.61 1.29
CA LEU B 40 18.32 13.47 1.30
C LEU B 40 18.05 14.78 2.00
N LYS B 41 19.09 15.30 2.69
CA LYS B 41 19.15 16.60 3.35
C LYS B 41 20.32 17.31 2.71
N ASN B 42 20.05 18.32 1.86
CA ASN B 42 21.07 19.07 1.08
C ASN B 42 21.94 18.11 0.25
N GLY B 43 21.31 17.11 -0.35
CA GLY B 43 21.94 16.11 -1.21
C GLY B 43 22.63 14.97 -0.52
N GLU B 44 22.60 14.92 0.82
CA GLU B 44 23.26 13.85 1.57
C GLU B 44 22.24 12.92 2.24
N ARG B 45 22.45 11.60 2.06
CA ARG B 45 21.60 10.51 2.59
C ARG B 45 21.40 10.63 4.09
N ILE B 46 20.11 10.60 4.51
CA ILE B 46 19.67 10.61 5.90
C ILE B 46 19.70 9.14 6.33
N GLU B 47 20.39 8.80 7.45
CA GLU B 47 20.50 7.40 7.83
C GLU B 47 19.32 6.94 8.72
N LYS B 48 18.72 7.83 9.51
CA LYS B 48 17.59 7.49 10.39
C LYS B 48 16.28 7.62 9.58
N VAL B 49 16.11 6.70 8.61
CA VAL B 49 14.97 6.65 7.71
C VAL B 49 14.27 5.30 7.90
N GLU B 50 12.97 5.37 8.10
CA GLU B 50 12.10 4.22 8.26
C GLU B 50 11.33 3.99 6.96
N HIS B 51 10.92 2.76 6.73
CA HIS B 51 10.17 2.38 5.53
C HIS B 51 9.26 1.22 5.80
N SER B 52 8.24 1.12 4.96
CA SER B 52 7.28 0.03 4.98
C SER B 52 7.89 -1.14 4.24
N ASP B 53 7.40 -2.33 4.52
CA ASP B 53 7.81 -3.49 3.75
C ASP B 53 7.08 -3.44 2.44
N LEU B 54 7.64 -4.11 1.45
CA LEU B 54 7.11 -4.14 0.09
C LEU B 54 5.68 -4.58 0.08
N SER B 55 4.90 -3.82 -0.64
CA SER B 55 3.52 -4.13 -0.87
C SER B 55 3.25 -3.88 -2.38
N PHE B 56 2.05 -4.22 -2.84
CA PHE B 56 1.66 -3.98 -4.20
C PHE B 56 0.15 -3.67 -4.29
N SER B 57 -0.23 -2.97 -5.37
CA SER B 57 -1.61 -2.58 -5.64
CA SER B 57 -1.59 -2.54 -5.71
C SER B 57 -2.31 -3.60 -6.55
N LYS B 58 -3.60 -3.36 -6.91
CA LYS B 58 -4.43 -4.28 -7.73
C LYS B 58 -3.86 -4.58 -9.13
N ASP B 59 -3.08 -3.64 -9.73
CA ASP B 59 -2.46 -3.91 -11.03
C ASP B 59 -1.13 -4.61 -10.85
N TRP B 60 -0.82 -5.09 -9.60
CA TRP B 60 0.41 -5.81 -9.24
C TRP B 60 1.68 -4.93 -9.21
N SER B 61 1.52 -3.60 -9.34
CA SER B 61 2.61 -2.63 -9.25
C SER B 61 3.01 -2.50 -7.78
N PHE B 62 4.31 -2.38 -7.50
CA PHE B 62 4.80 -2.27 -6.13
C PHE B 62 4.80 -0.85 -5.59
N TYR B 63 4.69 -0.71 -4.25
CA TYR B 63 4.75 0.58 -3.57
C TYR B 63 5.45 0.45 -2.23
N LEU B 64 6.08 1.55 -1.81
CA LEU B 64 6.82 1.67 -0.57
C LEU B 64 6.64 3.06 -0.01
N LEU B 65 6.65 3.19 1.30
CA LEU B 65 6.67 4.49 1.99
C LEU B 65 7.97 4.63 2.72
N TYR B 66 8.74 5.67 2.45
CA TYR B 66 9.95 5.97 3.22
C TYR B 66 9.70 7.25 3.96
N TYR B 67 10.12 7.35 5.22
CA TYR B 67 9.88 8.56 6.02
C TYR B 67 10.99 8.85 7.04
N THR B 68 11.08 10.12 7.44
CA THR B 68 12.05 10.58 8.41
C THR B 68 11.51 11.78 9.13
N GLU B 69 12.00 12.01 10.35
CA GLU B 69 11.62 13.22 11.07
C GLU B 69 12.51 14.31 10.58
N PHE B 70 11.98 15.52 10.40
CA PHE B 70 12.81 16.63 9.93
C PHE B 70 12.21 17.93 10.45
N THR B 71 13.01 18.98 10.42
CA THR B 71 12.60 20.30 10.79
C THR B 71 12.87 21.17 9.57
N PRO B 72 11.84 21.57 8.82
CA PRO B 72 12.09 22.42 7.63
C PRO B 72 12.58 23.83 8.03
N THR B 73 13.48 24.37 7.20
CA THR B 73 14.07 25.70 7.35
C THR B 73 13.95 26.44 6.02
N GLU B 74 14.39 27.66 6.04
CA GLU B 74 14.43 28.52 4.93
C GLU B 74 15.31 28.00 3.82
N LYS B 75 16.47 27.49 4.18
CA LYS B 75 17.47 27.05 3.27
C LYS B 75 17.72 25.56 3.05
N ASP B 76 17.55 24.73 4.07
CA ASP B 76 17.74 23.30 3.93
C ASP B 76 16.83 22.73 2.81
N GLU B 77 17.41 21.90 1.99
CA GLU B 77 16.69 21.30 0.88
C GLU B 77 16.54 19.82 1.14
N TYR B 78 15.37 19.28 0.82
CA TYR B 78 15.07 17.86 1.08
C TYR B 78 14.63 17.20 -0.20
N ALA B 79 14.94 15.90 -0.35
CA ALA B 79 14.61 15.18 -1.57
C ALA B 79 14.50 13.67 -1.35
N CYS B 80 13.87 13.00 -2.30
CA CYS B 80 13.76 11.55 -2.32
C CYS B 80 14.52 11.07 -3.56
N ARG B 81 15.49 10.19 -3.37
CA ARG B 81 16.32 9.66 -4.47
C ARG B 81 16.00 8.18 -4.66
N VAL B 82 15.66 7.80 -5.90
CA VAL B 82 15.25 6.44 -6.24
C VAL B 82 16.05 5.85 -7.44
N ASN B 83 16.54 4.62 -7.28
CA ASN B 83 17.18 3.91 -8.39
C ASN B 83 16.42 2.63 -8.61
N HIS B 84 16.14 2.33 -9.89
CA HIS B 84 15.38 1.18 -10.37
C HIS B 84 16.04 0.68 -11.63
N VAL B 85 15.78 -0.58 -12.01
CA VAL B 85 16.34 -1.20 -13.22
C VAL B 85 15.93 -0.38 -14.48
N THR B 86 14.80 0.37 -14.43
CA THR B 86 14.29 1.12 -15.57
C THR B 86 15.00 2.45 -15.73
N LEU B 87 15.78 2.87 -14.76
CA LEU B 87 16.47 4.17 -14.75
C LEU B 87 17.93 3.98 -14.98
N SER B 88 18.56 4.85 -15.80
CA SER B 88 20.01 4.80 -16.07
C SER B 88 20.78 5.24 -14.84
N GLN B 89 20.25 6.23 -14.13
CA GLN B 89 20.85 6.78 -12.92
C GLN B 89 19.73 7.17 -11.94
N PRO B 90 20.06 7.35 -10.62
CA PRO B 90 19.03 7.70 -9.65
C PRO B 90 18.24 8.95 -10.02
N LYS B 91 16.93 8.85 -9.85
CA LYS B 91 15.98 9.94 -10.08
C LYS B 91 15.81 10.62 -8.72
N ILE B 92 15.94 11.96 -8.69
CA ILE B 92 15.82 12.79 -7.49
C ILE B 92 14.58 13.67 -7.60
N VAL B 93 13.64 13.57 -6.62
CA VAL B 93 12.43 14.40 -6.58
C VAL B 93 12.53 15.23 -5.30
N LYS B 94 12.60 16.55 -5.46
CA LYS B 94 12.75 17.50 -4.35
C LYS B 94 11.45 17.77 -3.58
N TRP B 95 11.57 17.93 -2.28
CA TRP B 95 10.43 18.35 -1.46
C TRP B 95 10.10 19.81 -1.78
N ASP B 96 8.80 20.12 -2.02
CA ASP B 96 8.35 21.48 -2.29
C ASP B 96 7.04 21.75 -1.53
N ARG B 97 7.15 22.55 -0.44
CA ARG B 97 6.02 22.94 0.42
C ARG B 97 4.93 23.71 -0.36
C1 NAG C . -10.87 -17.41 17.54
C2 NAG C . -11.11 -18.87 17.86
C3 NAG C . -12.12 -19.57 16.95
C4 NAG C . -13.36 -18.71 16.71
C5 NAG C . -13.00 -17.26 16.36
C6 NAG C . -14.23 -16.40 16.42
C7 NAG C . -9.06 -19.92 17.01
C8 NAG C . -7.80 -20.49 17.54
N2 NAG C . -9.87 -19.54 17.97
O3 NAG C . -12.42 -20.76 17.57
O4 NAG C . -14.15 -19.34 15.76
O5 NAG C . -12.04 -16.72 17.23
O6 NAG C . -14.70 -16.43 17.73
O7 NAG C . -9.31 -19.87 15.88
C1 NAG C . -15.46 -19.61 16.11
C2 NAG C . -16.25 -19.99 14.85
C3 NAG C . -17.69 -20.40 15.11
C4 NAG C . -17.73 -21.37 16.29
C5 NAG C . -16.92 -20.89 17.50
C6 NAG C . -16.81 -21.93 18.61
C7 NAG C . -15.56 -19.25 12.67
C8 NAG C . -15.60 -18.25 11.59
N2 NAG C . -16.14 -18.99 13.81
O3 NAG C . -18.31 -20.99 14.00
O4 NAG C . -19.07 -21.59 16.66
O5 NAG C . -15.63 -20.51 17.17
O6 NAG C . -16.38 -21.27 19.76
O7 NAG C . -15.04 -20.24 12.51
C1 BMA C . -19.58 -22.91 16.34
C2 BMA C . -20.57 -23.30 17.42
C3 BMA C . -21.17 -24.66 17.10
C4 BMA C . -21.78 -24.69 15.70
C5 BMA C . -20.76 -24.20 14.68
C6 BMA C . -21.39 -24.01 13.32
O2 BMA C . -21.57 -22.28 17.53
O3 BMA C . -22.17 -25.00 18.05
O4 BMA C . -22.20 -26.02 15.38
O5 BMA C . -20.22 -22.91 15.06
O6 BMA C . -20.49 -23.40 12.40
C1 MAN C . -21.82 -25.83 19.16
C2 MAN C . -23.10 -26.47 19.73
C3 MAN C . -23.97 -25.43 20.44
C4 MAN C . -23.18 -24.61 21.44
C5 MAN C . -21.93 -24.02 20.79
C6 MAN C . -21.01 -23.31 21.75
O2 MAN C . -22.74 -27.51 20.62
O3 MAN C . -25.05 -26.08 21.10
O4 MAN C . -24.02 -23.56 21.92
O5 MAN C . -21.15 -25.07 20.18
O6 MAN C . -19.88 -22.80 21.08
C1 MAN C . -20.89 -23.61 11.10
C2 MAN C . -19.72 -23.34 10.17
C3 MAN C . -19.36 -21.85 10.18
C4 MAN C . -20.60 -21.00 9.84
C5 MAN C . -21.74 -21.34 10.80
C6 MAN C . -23.05 -20.68 10.44
O2 MAN C . -20.03 -23.79 8.85
O3 MAN C . -18.31 -21.65 9.25
O4 MAN C . -20.33 -19.61 9.92
O5 MAN C . -22.00 -22.75 10.78
O6 MAN C . -24.08 -21.04 11.35
C1 FUC C . -11.82 -21.98 17.09
C2 FUC C . -11.95 -23.10 18.11
C3 FUC C . -13.40 -23.64 18.11
C4 FUC C . -13.83 -24.04 16.70
C5 FUC C . -13.57 -22.84 15.76
C6 FUC C . -13.87 -23.15 14.32
O2 FUC C . -11.49 -22.64 19.36
O3 FUC C . -13.71 -24.61 19.09
O4 FUC C . -13.13 -25.17 16.24
O5 FUC C . -12.24 -22.42 15.84
C1 FUC C . -15.81 -15.60 17.99
C2 FUC C . -16.16 -15.79 19.49
C3 FUC C . -15.21 -15.05 20.46
C4 FUC C . -14.97 -13.65 19.95
C5 FUC C . -14.59 -13.69 18.46
C6 FUC C . -14.34 -12.30 17.90
O2 FUC C . -16.26 -17.16 19.78
O3 FUC C . -15.65 -15.09 21.81
O4 FUC C . -16.10 -12.77 20.15
O5 FUC C . -15.61 -14.26 17.68
C1 NAG D . -17.69 -26.06 -6.47
C2 NAG D . -18.30 -26.56 -7.78
C3 NAG D . -19.17 -27.79 -7.49
C4 NAG D . -18.35 -28.88 -6.79
C5 NAG D . -17.47 -28.37 -5.63
C6 NAG D . -16.33 -29.31 -5.35
C7 NAG D . -18.82 -25.14 -9.71
C8 NAG D . -19.84 -24.20 -10.31
N2 NAG D . -19.07 -25.53 -8.46
O3 NAG D . -19.59 -28.32 -8.75
O4 NAG D . -19.21 -29.92 -6.32
O5 NAG D . -16.86 -27.11 -5.95
O6 NAG D . -16.35 -29.86 -4.05
O7 NAG D . -17.84 -25.52 -10.34
C1 FUC D . -20.93 -28.13 -9.20
C2 FUC D . -20.98 -28.42 -10.71
C3 FUC D . -20.93 -29.93 -11.01
C4 FUC D . -21.92 -30.72 -10.16
C5 FUC D . -21.69 -30.38 -8.69
C6 FUC D . -22.64 -31.08 -7.74
O2 FUC D . -19.89 -27.77 -11.36
O3 FUC D . -21.21 -30.16 -12.39
O4 FUC D . -23.26 -30.44 -10.56
O5 FUC D . -21.87 -28.96 -8.49
C1 NAG E . 22.80 -15.19 -10.24
C2 NAG E . 24.22 -14.93 -10.76
C3 NAG E . 25.12 -14.34 -9.67
C4 NAG E . 24.48 -13.08 -9.09
C5 NAG E . 23.11 -13.43 -8.50
C6 NAG E . 22.39 -12.19 -8.00
C7 NAG E . 25.92 -16.78 -10.94
C8 NAG E . 26.93 -17.18 -11.98
N2 NAG E . 24.85 -16.09 -11.40
O3 NAG E . 26.41 -14.00 -10.18
O4 NAG E . 25.30 -12.43 -8.14
O5 NAG E . 22.28 -14.05 -9.51
O6 NAG E . 21.04 -12.41 -7.63
O7 NAG E . 26.08 -17.06 -9.75
C01 D21 F . -7.27 -24.58 -4.80
C02 D21 F . -5.85 -24.09 -5.05
C03 D21 F . -5.43 -23.94 -6.52
C04 D21 F . -4.29 -22.97 -6.81
C05 D21 F . -3.23 -22.84 -5.72
C06 D21 F . -1.97 -22.07 -6.08
C07 D21 F . -0.95 -22.19 -4.96
C08 D21 F . 0.45 -21.72 -5.29
C09 D21 F . 1.30 -22.70 -6.09
C10 D21 F . 2.00 -23.78 -5.26
C11 D21 F . 3.23 -24.39 -5.94
C12 D21 F . 3.94 -25.48 -5.13
C13 D21 F . 4.54 -25.02 -3.80
C14 D21 F . 5.54 -25.94 -3.13
C15 D21 F . 4.91 -27.19 -2.52
C16 D21 F . 5.24 -27.41 -1.07
O17 D21 F . 6.17 -28.07 -0.68
O18 D21 F . 4.34 -26.82 -0.28
C19 D21 F . 4.20 -27.27 1.09
C20 D21 F . 3.55 -26.21 1.93
C21 D21 F . 3.33 -26.56 3.38
O22 D21 F . 2.41 -27.67 3.48
P23 D21 F . 2.34 -28.80 4.62
O24 D21 F . 1.08 -29.61 4.45
O25 D21 F . 2.40 -28.06 5.96
O26 D21 F . 3.63 -29.63 4.49
O30 D21 F . 2.56 -25.32 1.31
C31 D21 F . 1.34 -25.77 0.94
O32 D21 F . 0.97 -26.91 1.04
C33 D21 F . 0.51 -24.66 0.33
C34 D21 F . 0.58 -23.30 1.04
C35 D21 F . -0.27 -22.25 0.34
C36 D21 F . -0.35 -20.89 1.02
C37 D21 F . -1.44 -19.97 0.49
C38 D21 F . -2.75 -19.98 1.27
C39 D21 F . -2.89 -18.90 2.33
C40 D21 F . -4.33 -18.54 2.71
C41 D21 F . -4.46 -17.58 3.86
C42 D21 F . -3.98 -17.78 5.07
C43 D21 F . -4.06 -16.91 6.27
C44 D21 F . -4.17 -17.77 7.53
C45 D21 F . -3.90 -17.07 8.86
C46 D21 F . -2.45 -16.69 9.16
C47 D21 F . -2.25 -16.34 10.64
C48 D21 F . -0.84 -15.98 11.04
C49 D21 F . -0.64 -15.91 12.55
CBD CUY G . 2.42 -15.84 9.81
CBE CUY G . 3.23 -14.89 8.94
CBF CUY G . 2.47 -14.31 7.76
CBG CUY G . 3.34 -13.79 6.63
CBH CUY G . 3.72 -14.86 5.61
CBI CUY G . 4.32 -14.31 4.31
CBJ CUY G . 4.42 -15.32 3.17
CBK CUY G . 3.09 -15.94 2.75
CBL CUY G . 3.09 -16.63 1.39
CBM CUY G . 1.70 -17.05 0.90
CAW CUY G . 1.17 -16.26 -0.30
CAV CUY G . 0.16 -17.05 -1.14
CAU CUY G . -0.17 -16.45 -2.49
CAT CUY G . -0.47 -17.44 -3.62
CAS CUY G . 0.69 -17.69 -4.60
CAR CUY G . 0.26 -17.81 -6.04
OAQ CUY G . 1.39 -18.16 -6.90
CAP CUY G . 1.16 -18.21 -8.23
OBO CUY G . 0.15 -17.85 -8.74
CAO CUY G . 2.34 -18.79 -8.98
CAN CUY G . 2.55 -18.27 -10.40
CAM CUY G . 2.98 -19.37 -11.37
CAL CUY G . 4.18 -19.11 -12.27
CAK CUY G . 4.52 -20.26 -13.23
CAJ CUY G . 5.99 -20.71 -13.24
CAI CUY G . 6.24 -22.17 -13.66
CAH CUY G . 6.61 -23.13 -12.52
CAG CUY G . 5.54 -24.16 -12.12
CAF CUY G . 5.78 -24.84 -10.77
CAE CUY G . 4.69 -25.86 -10.36
CAD CUY G . 5.21 -26.98 -9.44
CAC CUY G . 4.20 -28.00 -8.88
CAB CUY G . 4.91 -29.15 -8.14
CAA CUY G . 4.15 -29.87 -7.03
C40 CUY G . 4.99 -30.08 -5.76
C41 CUY G . 4.85 -31.47 -5.14
C1 PEG H . -7.13 0.38 6.56
O1 PEG H . -6.27 0.50 5.45
C2 PEG H . -7.55 1.73 7.05
O2 PEG H . -8.67 1.64 7.88
C3 PEG H . -9.83 2.17 7.30
C4 PEG H . -10.90 1.17 7.22
O4 PEG H . -12.03 1.64 6.46
CL CL I . -15.37 -17.51 -0.62
CL CL J . -19.00 1.83 14.48
CL CL K . -3.36 33.93 -2.31
C1 EDO L . 12.71 -9.35 -11.99
O1 EDO L . 12.27 -9.45 -13.35
C2 EDO L . 13.65 -10.52 -11.60
O2 EDO L . 13.18 -11.36 -10.56
I IOD M . 4.27 -22.87 -21.66
I IOD N . -18.21 -16.34 14.81
NA NA O . 19.08 1.93 -12.52
CL CL P . 7.11 10.82 -10.35
I IOD Q . 18.47 17.61 -1.62
#